data_2YB4
#
_entry.id   2YB4
#
_cell.length_a   40.070
_cell.length_b   46.530
_cell.length_c   130.490
_cell.angle_alpha   90.00
_cell.angle_beta   90.00
_cell.angle_gamma   90.00
#
_symmetry.space_group_name_H-M   'P 21 21 21'
#
loop_
_entity.id
_entity.type
_entity.pdbx_description
1 polymer AMIDOHYDROLASE
2 non-polymer 'SULFATE ION'
3 water water
#
_entity_poly.entity_id   1
_entity_poly.type   'polypeptide(L)'
_entity_poly.pdbx_seq_one_letter_code
;MANIDLHFHSRTSDGALTPTEVIDRAAARAPALLALTDHDCTGGLAEAAAAAARRGIPFLNGVEVSVSWGRHTVHIVGLG
IDPAEPALAAGLKSIREGRLERARQMGASLEAAGIAGCFDGAMRWCDNPEMISRTHFARHLVDSGAVKDMRTVFRKYLTP
GKPGYVSHQWASLEDAVGWIVGAGGMAVIAHPGRYDMGRTLIERLILDFQAAGGQGIEVASGSHSLDDMHKFALHADRHG
LYASSGSDFHAPGEGGRDVGHTEDLPPICRPIWRELEARILRPADAENLYFQ
;
_entity_poly.pdbx_strand_id   A
#
# COMPACT_ATOMS: atom_id res chain seq x y z
N ALA A 2 14.93 -9.04 8.90
CA ALA A 2 15.14 -7.61 9.05
C ALA A 2 14.03 -6.96 9.88
N ASN A 3 14.43 -6.01 10.71
CA ASN A 3 13.53 -5.29 11.62
C ASN A 3 12.92 -4.00 11.05
N ILE A 4 12.97 -3.87 9.73
CA ILE A 4 12.37 -2.75 9.03
C ILE A 4 11.03 -3.14 8.36
N ASP A 5 9.99 -2.34 8.53
CA ASP A 5 8.77 -2.54 7.75
C ASP A 5 8.25 -1.22 7.17
N LEU A 6 8.35 -1.09 5.86
CA LEU A 6 7.92 0.12 5.14
C LEU A 6 6.59 0.01 4.37
N HIS A 7 5.86 -1.09 4.53
CA HIS A 7 4.52 -1.18 3.92
C HIS A 7 3.48 -1.85 4.80
N PHE A 8 2.50 -1.07 5.28
CA PHE A 8 1.36 -1.61 6.04
C PHE A 8 0.22 -0.61 6.08
N HIS A 9 -0.97 -1.10 6.45
CA HIS A 9 -2.18 -0.29 6.43
C HIS A 9 -2.85 -0.22 7.79
N SER A 10 -3.74 0.75 7.94
CA SER A 10 -4.55 0.92 9.13
C SER A 10 -6.02 1.12 8.76
N ARG A 11 -6.86 1.31 9.77
CA ARG A 11 -8.29 1.54 9.56
C ARG A 11 -8.59 2.87 8.85
N THR A 12 -7.57 3.71 8.73
CA THR A 12 -7.67 4.89 7.88
C THR A 12 -8.09 4.47 6.46
N SER A 13 -7.53 3.40 5.94
CA SER A 13 -8.10 2.89 4.69
C SER A 13 -8.68 1.46 4.76
N ASP A 14 -7.86 0.44 4.48
CA ASP A 14 -8.32 -0.97 4.59
C ASP A 14 -7.72 -1.90 5.66
N GLY A 15 -6.81 -1.41 6.50
CA GLY A 15 -6.29 -2.24 7.56
C GLY A 15 -7.35 -2.50 8.61
N ALA A 16 -7.16 -3.54 9.41
CA ALA A 16 -8.10 -3.87 10.48
C ALA A 16 -7.77 -3.18 11.79
N LEU A 17 -6.57 -2.62 11.89
CA LEU A 17 -6.10 -2.01 13.13
C LEU A 17 -5.96 -0.51 12.95
N THR A 18 -6.28 0.26 13.98
CA THR A 18 -6.08 1.71 13.93
C THR A 18 -4.59 2.00 13.83
N PRO A 19 -4.23 3.25 13.50
CA PRO A 19 -2.81 3.59 13.39
C PRO A 19 -2.04 3.31 14.68
N THR A 20 -2.61 3.68 15.83
CA THR A 20 -1.97 3.38 17.10
C THR A 20 -1.83 1.87 17.32
N GLU A 21 -2.88 1.11 16.99
CA GLU A 21 -2.88 -0.34 17.19
C GLU A 21 -1.83 -1.04 16.33
N VAL A 22 -1.76 -0.68 15.05
CA VAL A 22 -0.84 -1.33 14.11
C VAL A 22 0.61 -1.04 14.49
N ILE A 23 0.85 0.19 14.95
CA ILE A 23 2.18 0.58 15.42
C ILE A 23 2.56 -0.22 16.67
N ASP A 24 1.60 -0.34 17.60
CA ASP A 24 1.84 -1.08 18.84
C ASP A 24 2.08 -2.57 18.57
N ARG A 25 1.37 -3.11 17.58
CA ARG A 25 1.57 -4.50 17.16
C ARG A 25 2.97 -4.70 16.62
N ALA A 26 3.36 -3.83 15.68
CA ALA A 26 4.70 -3.84 15.10
C ALA A 26 5.77 -3.72 16.16
N ALA A 27 5.49 -2.91 17.18
CA ALA A 27 6.44 -2.59 18.25
C ALA A 27 6.90 -3.83 19.01
N ALA A 28 6.01 -4.82 19.12
CA ALA A 28 6.35 -6.07 19.78
C ALA A 28 7.57 -6.73 19.15
N ARG A 29 7.86 -6.37 17.90
CA ARG A 29 8.98 -6.98 17.17
C ARG A 29 10.26 -6.18 17.28
N ALA A 30 10.25 -5.13 18.09
CA ALA A 30 11.45 -4.27 18.23
C ALA A 30 11.96 -3.80 16.87
N PRO A 31 11.12 -3.09 16.09
CA PRO A 31 11.56 -2.61 14.77
C PRO A 31 12.49 -1.40 14.85
N ALA A 32 13.43 -1.31 13.92
CA ALA A 32 14.29 -0.12 13.81
C ALA A 32 13.63 1.01 13.04
N LEU A 33 12.72 0.67 12.12
CA LEU A 33 12.04 1.68 11.32
C LEU A 33 10.68 1.17 10.84
N LEU A 34 9.71 2.08 10.77
CA LEU A 34 8.36 1.76 10.31
C LEU A 34 7.81 2.86 9.40
N ALA A 35 7.01 2.46 8.42
CA ALA A 35 6.28 3.44 7.62
C ALA A 35 4.85 2.97 7.38
N LEU A 36 3.89 3.79 7.77
CA LEU A 36 2.50 3.47 7.51
C LEU A 36 2.18 3.97 6.10
N THR A 37 1.82 3.06 5.20
CA THR A 37 1.47 3.49 3.85
C THR A 37 0.04 3.08 3.55
N ASP A 38 -0.89 3.99 3.84
CA ASP A 38 -2.31 3.70 3.69
C ASP A 38 -2.69 3.92 2.24
N HIS A 39 -3.76 3.27 1.80
CA HIS A 39 -4.16 3.34 0.40
C HIS A 39 -4.88 4.66 0.12
N ASP A 40 -4.29 5.47 -0.75
CA ASP A 40 -4.86 6.72 -1.27
C ASP A 40 -5.25 7.77 -0.23
N CYS A 41 -4.65 7.69 0.96
CA CYS A 41 -4.88 8.69 1.99
C CYS A 41 -3.73 8.72 3.00
N THR A 42 -3.52 9.89 3.59
CA THR A 42 -2.54 10.12 4.66
C THR A 42 -3.11 10.29 6.07
N GLY A 43 -4.42 10.13 6.21
CA GLY A 43 -5.12 10.52 7.42
C GLY A 43 -4.68 9.92 8.74
N GLY A 44 -3.95 8.80 8.68
CA GLY A 44 -3.49 8.17 9.91
C GLY A 44 -2.05 8.47 10.30
N LEU A 45 -1.38 9.31 9.51
CA LEU A 45 0.07 9.52 9.68
C LEU A 45 0.45 10.23 11.00
N ALA A 46 -0.30 11.27 11.36
CA ALA A 46 0.00 11.99 12.59
C ALA A 46 -0.17 11.09 13.81
N GLU A 47 -1.22 10.28 13.83
CA GLU A 47 -1.46 9.36 14.95
C GLU A 47 -0.40 8.25 15.01
N ALA A 48 -0.05 7.70 13.86
CA ALA A 48 0.98 6.67 13.81
C ALA A 48 2.33 7.23 14.24
N ALA A 49 2.62 8.46 13.81
CA ALA A 49 3.89 9.10 14.16
C ALA A 49 4.01 9.31 15.67
N ALA A 50 2.92 9.75 16.30
CA ALA A 50 2.90 9.91 17.74
C ALA A 50 3.06 8.56 18.45
N ALA A 51 2.41 7.53 17.91
CA ALA A 51 2.47 6.18 18.50
C ALA A 51 3.86 5.58 18.39
N ALA A 52 4.49 5.75 17.22
CA ALA A 52 5.83 5.27 16.97
C ALA A 52 6.85 5.97 17.87
N ALA A 53 6.77 7.30 17.91
CA ALA A 53 7.61 8.10 18.79
C ALA A 53 7.52 7.62 20.25
N ARG A 54 6.30 7.36 20.71
CA ARG A 54 6.08 6.97 22.11
C ARG A 54 6.77 5.66 22.47
N ARG A 55 6.86 4.77 21.48
CA ARG A 55 7.52 3.48 21.64
C ARG A 55 9.00 3.55 21.30
N GLY A 56 9.49 4.76 21.01
CA GLY A 56 10.88 4.97 20.65
C GLY A 56 11.28 4.41 19.30
N ILE A 57 10.35 4.37 18.36
CA ILE A 57 10.59 3.81 17.02
C ILE A 57 10.66 4.90 15.95
N PRO A 58 11.79 4.98 15.22
CA PRO A 58 11.86 5.92 14.10
C PRO A 58 10.75 5.63 13.08
N PHE A 59 10.24 6.68 12.45
CA PHE A 59 9.06 6.59 11.60
C PHE A 59 9.23 7.41 10.32
N LEU A 60 8.58 6.95 9.27
CA LEU A 60 8.52 7.67 8.01
C LEU A 60 7.06 7.86 7.59
N ASN A 61 6.68 9.09 7.26
CA ASN A 61 5.42 9.35 6.61
C ASN A 61 5.37 8.61 5.26
N GLY A 62 4.27 7.93 5.01
CA GLY A 62 4.14 7.13 3.81
C GLY A 62 2.71 7.14 3.31
N VAL A 63 2.50 6.47 2.18
CA VAL A 63 1.21 6.39 1.54
C VAL A 63 1.36 5.44 0.36
N GLU A 64 0.24 4.89 -0.11
CA GLU A 64 0.23 3.97 -1.24
C GLU A 64 -0.80 4.44 -2.26
N VAL A 65 -0.33 4.81 -3.44
CA VAL A 65 -1.17 5.47 -4.42
C VAL A 65 -1.61 4.53 -5.54
N SER A 66 -2.93 4.46 -5.75
CA SER A 66 -3.49 3.66 -6.84
C SER A 66 -3.18 4.30 -8.19
N VAL A 67 -2.70 3.48 -9.12
CA VAL A 67 -2.30 3.94 -10.44
C VAL A 67 -2.88 3.04 -11.54
N SER A 68 -3.37 3.65 -12.61
CA SER A 68 -3.75 2.90 -13.79
C SER A 68 -2.65 3.12 -14.82
N TRP A 69 -1.91 2.06 -15.15
CA TRP A 69 -0.84 2.16 -16.15
C TRP A 69 -1.20 1.22 -17.28
N GLY A 70 -1.59 1.77 -18.42
CA GLY A 70 -2.16 0.96 -19.48
C GLY A 70 -3.36 0.19 -18.97
N ARG A 71 -3.36 -1.13 -19.18
CA ARG A 71 -4.46 -1.98 -18.72
C ARG A 71 -4.26 -2.49 -17.29
N HIS A 72 -3.20 -2.04 -16.62
CA HIS A 72 -2.84 -2.57 -15.30
C HIS A 72 -3.11 -1.58 -14.18
N THR A 73 -3.47 -2.12 -13.01
CA THR A 73 -3.53 -1.33 -11.78
C THR A 73 -2.25 -1.61 -11.02
N VAL A 74 -1.48 -0.56 -10.72
CA VAL A 74 -0.27 -0.70 -9.92
C VAL A 74 -0.36 0.23 -8.71
N HIS A 75 0.53 -0.01 -7.75
CA HIS A 75 0.58 0.79 -6.53
C HIS A 75 1.94 1.43 -6.35
N ILE A 76 1.93 2.74 -6.21
CA ILE A 76 3.16 3.49 -6.01
C ILE A 76 3.19 4.02 -4.59
N VAL A 77 4.04 3.44 -3.76
CA VAL A 77 4.23 3.93 -2.40
C VAL A 77 5.10 5.19 -2.40
N GLY A 78 4.70 6.23 -1.67
CA GLY A 78 5.63 7.28 -1.31
C GLY A 78 6.21 7.11 0.10
N LEU A 79 7.46 7.50 0.29
CA LEU A 79 8.11 7.42 1.61
C LEU A 79 8.83 8.73 1.89
N GLY A 80 8.71 9.21 3.13
CA GLY A 80 9.32 10.47 3.51
C GLY A 80 8.56 11.68 2.98
N ILE A 81 7.29 11.50 2.64
CA ILE A 81 6.46 12.59 2.13
C ILE A 81 6.04 13.55 3.23
N ASP A 82 5.78 14.79 2.84
CA ASP A 82 5.08 15.75 3.69
C ASP A 82 3.60 15.65 3.33
N PRO A 83 2.79 15.06 4.22
CA PRO A 83 1.38 14.82 3.89
C PRO A 83 0.59 16.11 3.68
N ALA A 84 1.09 17.23 4.20
CA ALA A 84 0.42 18.52 4.08
C ALA A 84 0.74 19.28 2.80
N GLU A 85 1.54 18.69 1.92
CA GLU A 85 1.84 19.35 0.65
C GLU A 85 0.58 19.34 -0.22
N PRO A 86 0.17 20.52 -0.69
CA PRO A 86 -1.14 20.70 -1.32
C PRO A 86 -1.37 19.87 -2.58
N ALA A 87 -0.41 19.80 -3.49
CA ALA A 87 -0.59 19.05 -4.72
C ALA A 87 -0.85 17.56 -4.41
N LEU A 88 -0.09 17.01 -3.46
CA LEU A 88 -0.25 15.62 -3.06
C LEU A 88 -1.62 15.40 -2.42
N ALA A 89 -1.98 16.30 -1.50
CA ALA A 89 -3.26 16.23 -0.80
C ALA A 89 -4.45 16.27 -1.76
N ALA A 90 -4.41 17.22 -2.71
CA ALA A 90 -5.46 17.33 -3.72
C ALA A 90 -5.41 16.11 -4.63
N GLY A 91 -4.21 15.64 -4.92
CA GLY A 91 -4.04 14.43 -5.71
C GLY A 91 -4.71 13.23 -5.08
N LEU A 92 -4.40 12.95 -3.83
CA LEU A 92 -4.99 11.81 -3.13
C LEU A 92 -6.51 11.95 -3.08
N LYS A 93 -6.99 13.18 -2.88
CA LYS A 93 -8.43 13.45 -2.81
C LYS A 93 -9.12 13.18 -4.14
N SER A 94 -8.48 13.51 -5.26
CA SER A 94 -9.11 13.32 -6.57
C SER A 94 -9.35 11.84 -6.84
N ILE A 95 -8.44 10.97 -6.42
CA ILE A 95 -8.59 9.53 -6.65
C ILE A 95 -9.46 8.79 -5.61
N ARG A 96 -9.75 9.43 -4.48
CA ARG A 96 -10.72 8.89 -3.51
C ARG A 96 -12.15 9.15 -3.96
N GLU A 97 -12.32 10.17 -4.80
CA GLU A 97 -13.63 10.70 -5.18
C GLU A 97 -14.66 9.69 -5.71
N GLY A 98 -14.20 8.71 -6.49
CA GLY A 98 -15.11 7.75 -7.08
C GLY A 98 -15.28 6.47 -6.29
N ARG A 99 -14.57 6.34 -5.17
CA ARG A 99 -14.62 5.10 -4.38
C ARG A 99 -16.01 4.67 -3.91
N LEU A 100 -16.75 5.60 -3.32
CA LEU A 100 -18.07 5.28 -2.80
C LEU A 100 -19.03 4.85 -3.90
N GLU A 101 -19.10 5.61 -4.99
CA GLU A 101 -20.02 5.23 -6.07
C GLU A 101 -19.64 3.88 -6.67
N ARG A 102 -18.32 3.64 -6.78
CA ARG A 102 -17.79 2.37 -7.25
C ARG A 102 -18.22 1.23 -6.35
N ALA A 103 -18.11 1.44 -5.04
CA ALA A 103 -18.49 0.45 -4.03
C ALA A 103 -19.99 0.13 -4.04
N ARG A 104 -20.83 1.14 -4.24
CA ARG A 104 -22.27 0.93 -4.35
C ARG A 104 -22.61 0.03 -5.56
N GLN A 105 -21.96 0.32 -6.68
CA GLN A 105 -22.09 -0.46 -7.89
C GLN A 105 -21.54 -1.89 -7.71
N MET A 106 -20.42 -2.02 -7.01
CA MET A 106 -19.89 -3.34 -6.67
C MET A 106 -20.93 -4.10 -5.86
N GLY A 107 -21.55 -3.42 -4.91
CA GLY A 107 -22.60 -4.03 -4.12
C GLY A 107 -23.69 -4.54 -5.05
N ALA A 108 -24.11 -3.68 -5.96
CA ALA A 108 -25.25 -3.98 -6.83
C ALA A 108 -24.91 -5.09 -7.81
N SER A 109 -23.66 -5.14 -8.25
CA SER A 109 -23.18 -6.20 -9.14
C SER A 109 -23.27 -7.56 -8.45
N LEU A 110 -22.80 -7.63 -7.21
CA LEU A 110 -22.88 -8.89 -6.45
C LEU A 110 -24.33 -9.31 -6.20
N GLU A 111 -25.21 -8.32 -5.99
CA GLU A 111 -26.63 -8.61 -5.81
C GLU A 111 -27.24 -9.23 -7.07
N ALA A 112 -26.96 -8.65 -8.23
CA ALA A 112 -27.43 -9.21 -9.51
C ALA A 112 -26.96 -10.65 -9.66
N ALA A 113 -25.79 -10.95 -9.12
CA ALA A 113 -25.19 -12.28 -9.20
C ALA A 113 -25.67 -13.20 -8.09
N GLY A 114 -26.59 -12.71 -7.26
CA GLY A 114 -27.20 -13.56 -6.25
C GLY A 114 -26.71 -13.39 -4.82
N ILE A 115 -25.76 -12.49 -4.59
CA ILE A 115 -25.37 -12.22 -3.21
C ILE A 115 -25.78 -10.81 -2.81
N ALA A 116 -26.87 -10.70 -2.07
CA ALA A 116 -27.41 -9.42 -1.64
C ALA A 116 -26.74 -8.89 -0.38
N GLY A 117 -26.80 -7.58 -0.17
CA GLY A 117 -26.37 -6.99 1.09
C GLY A 117 -24.88 -6.73 1.25
N CYS A 118 -24.12 -6.91 0.18
CA CYS A 118 -22.66 -6.78 0.24
C CYS A 118 -22.11 -5.38 0.46
N PHE A 119 -22.76 -4.35 -0.09
CA PHE A 119 -22.28 -2.99 0.18
C PHE A 119 -22.48 -2.63 1.65
N ASP A 120 -23.68 -2.91 2.16
CA ASP A 120 -23.97 -2.71 3.57
C ASP A 120 -23.00 -3.50 4.45
N GLY A 121 -22.81 -4.78 4.13
CA GLY A 121 -21.91 -5.63 4.88
C GLY A 121 -20.46 -5.15 4.88
N ALA A 122 -19.98 -4.73 3.71
CA ALA A 122 -18.64 -4.19 3.58
C ALA A 122 -18.46 -2.95 4.44
N MET A 123 -19.51 -2.12 4.48
CA MET A 123 -19.45 -0.85 5.19
C MET A 123 -19.39 -1.04 6.71
N ARG A 124 -19.76 -2.22 7.18
CA ARG A 124 -19.65 -2.54 8.61
C ARG A 124 -18.19 -2.70 9.00
N TRP A 125 -17.34 -2.97 8.02
CA TRP A 125 -15.90 -3.14 8.22
C TRP A 125 -15.09 -1.88 7.91
N CYS A 126 -15.79 -0.82 7.49
CA CYS A 126 -15.15 0.38 6.99
C CYS A 126 -15.46 1.60 7.87
N ASP A 127 -14.44 2.14 8.52
CA ASP A 127 -14.61 3.30 9.39
C ASP A 127 -14.85 4.58 8.62
N ASN A 128 -14.12 4.76 7.51
CA ASN A 128 -14.26 5.94 6.71
C ASN A 128 -14.83 5.60 5.32
N PRO A 129 -16.13 5.89 5.12
CA PRO A 129 -16.84 5.50 3.88
C PRO A 129 -16.12 5.86 2.59
N GLU A 130 -15.50 7.04 2.51
CA GLU A 130 -14.80 7.49 1.31
C GLU A 130 -13.71 6.50 0.89
N MET A 131 -13.25 5.73 1.86
CA MET A 131 -12.19 4.74 1.68
C MET A 131 -12.67 3.30 1.47
N ILE A 132 -13.97 3.10 1.33
CA ILE A 132 -14.52 1.77 1.07
C ILE A 132 -13.78 1.10 -0.09
N SER A 133 -13.38 -0.15 0.11
CA SER A 133 -12.58 -0.84 -0.89
C SER A 133 -12.94 -2.31 -0.98
N ARG A 134 -12.31 -3.01 -1.90
CA ARG A 134 -12.59 -4.43 -2.14
C ARG A 134 -12.22 -5.30 -0.96
N THR A 135 -11.19 -4.90 -0.20
CA THR A 135 -10.80 -5.63 1.00
C THR A 135 -11.93 -5.69 2.03
N HIS A 136 -12.63 -4.57 2.21
CA HIS A 136 -13.81 -4.52 3.09
C HIS A 136 -14.91 -5.48 2.61
N PHE A 137 -15.15 -5.51 1.30
CA PHE A 137 -16.11 -6.43 0.69
C PHE A 137 -15.69 -7.87 0.97
N ALA A 138 -14.39 -8.13 0.87
CA ALA A 138 -13.88 -9.47 1.07
C ALA A 138 -14.06 -9.93 2.52
N ARG A 139 -13.81 -9.03 3.48
CA ARG A 139 -14.00 -9.37 4.90
C ARG A 139 -15.45 -9.70 5.20
N HIS A 140 -16.37 -8.96 4.59
CA HIS A 140 -17.79 -9.25 4.75
C HIS A 140 -18.13 -10.63 4.19
N LEU A 141 -17.67 -10.89 2.97
CA LEU A 141 -18.01 -12.14 2.29
C LEU A 141 -17.51 -13.34 3.08
N VAL A 142 -16.33 -13.21 3.69
CA VAL A 142 -15.81 -14.30 4.51
C VAL A 142 -16.60 -14.41 5.82
N ASP A 143 -16.75 -13.28 6.50
CA ASP A 143 -17.40 -13.20 7.79
C ASP A 143 -18.88 -13.60 7.77
N SER A 144 -19.60 -13.24 6.71
CA SER A 144 -21.01 -13.61 6.60
C SER A 144 -21.13 -15.06 6.11
N GLY A 145 -20.00 -15.65 5.76
CA GLY A 145 -19.97 -17.05 5.37
C GLY A 145 -20.26 -17.35 3.91
N ALA A 146 -20.36 -16.31 3.08
CA ALA A 146 -20.58 -16.55 1.65
C ALA A 146 -19.34 -17.12 0.98
N VAL A 147 -18.17 -16.77 1.50
CA VAL A 147 -16.92 -17.26 0.93
C VAL A 147 -16.02 -17.80 2.02
N LYS A 148 -15.26 -18.85 1.72
CA LYS A 148 -14.43 -19.54 2.70
C LYS A 148 -13.36 -18.64 3.33
N ASP A 149 -12.61 -17.92 2.50
CA ASP A 149 -11.53 -17.06 3.00
C ASP A 149 -11.21 -15.89 2.06
N MET A 150 -10.20 -15.11 2.40
CA MET A 150 -9.86 -13.91 1.64
C MET A 150 -9.27 -14.23 0.26
N ARG A 151 -8.47 -15.27 0.19
CA ARG A 151 -7.88 -15.67 -1.09
C ARG A 151 -8.96 -16.08 -2.09
N THR A 152 -9.93 -16.87 -1.62
CA THR A 152 -11.00 -17.39 -2.45
C THR A 152 -11.95 -16.29 -2.93
N VAL A 153 -12.20 -15.30 -2.08
CA VAL A 153 -13.05 -14.19 -2.47
C VAL A 153 -12.62 -13.64 -3.82
N PHE A 154 -11.33 -13.41 -3.98
CA PHE A 154 -10.81 -12.78 -5.19
C PHE A 154 -10.64 -13.75 -6.37
N ARG A 155 -10.64 -15.05 -6.09
CA ARG A 155 -10.73 -16.04 -7.16
C ARG A 155 -12.12 -15.96 -7.80
N LYS A 156 -13.16 -15.89 -6.97
CA LYS A 156 -14.54 -15.91 -7.46
C LYS A 156 -15.21 -14.56 -7.72
N TYR A 157 -14.64 -13.49 -7.18
CA TYR A 157 -15.33 -12.19 -7.11
C TYR A 157 -14.38 -11.02 -7.15
N LEU A 158 -14.93 -9.84 -7.43
CA LEU A 158 -14.22 -8.58 -7.22
C LEU A 158 -12.94 -8.44 -8.04
N THR A 159 -12.84 -9.22 -9.11
CA THR A 159 -11.71 -9.15 -10.03
C THR A 159 -12.24 -9.27 -11.46
N PRO A 160 -11.43 -8.85 -12.46
CA PRO A 160 -11.95 -8.75 -13.82
C PRO A 160 -12.64 -10.05 -14.27
N GLY A 161 -13.86 -9.92 -14.77
CA GLY A 161 -14.62 -11.06 -15.25
C GLY A 161 -15.58 -11.67 -14.26
N LYS A 162 -15.54 -11.23 -13.00
CA LYS A 162 -16.36 -11.84 -11.95
C LYS A 162 -17.35 -10.83 -11.38
N PRO A 163 -18.44 -11.32 -10.77
CA PRO A 163 -19.42 -10.44 -10.13
C PRO A 163 -18.76 -9.57 -9.07
N GLY A 164 -19.11 -8.29 -9.04
CA GLY A 164 -18.59 -7.40 -8.03
C GLY A 164 -17.44 -6.54 -8.51
N TYR A 165 -16.79 -6.95 -9.59
CA TYR A 165 -15.70 -6.14 -10.15
C TYR A 165 -16.23 -5.01 -11.02
N VAL A 166 -15.89 -3.78 -10.64
CA VAL A 166 -16.23 -2.61 -11.43
C VAL A 166 -14.93 -1.93 -11.86
N SER A 167 -14.66 -1.96 -13.16
CA SER A 167 -13.49 -1.31 -13.73
C SER A 167 -13.39 0.17 -13.33
N HIS A 168 -12.19 0.62 -12.98
CA HIS A 168 -12.00 2.00 -12.53
C HIS A 168 -10.62 2.55 -12.89
N GLN A 169 -10.56 3.82 -13.26
CA GLN A 169 -9.30 4.49 -13.59
C GLN A 169 -8.77 5.33 -12.43
N TRP A 170 -7.57 4.99 -11.97
CA TRP A 170 -6.89 5.69 -10.89
C TRP A 170 -5.92 6.76 -11.40
N ALA A 171 -5.00 7.20 -10.54
CA ALA A 171 -3.97 8.16 -10.95
C ALA A 171 -3.11 7.68 -12.12
N SER A 172 -2.61 8.63 -12.90
CA SER A 172 -1.56 8.32 -13.86
C SER A 172 -0.27 8.04 -13.10
N LEU A 173 0.65 7.33 -13.73
CA LEU A 173 1.96 7.07 -13.14
C LEU A 173 2.72 8.40 -12.91
N GLU A 174 2.67 9.28 -13.91
CA GLU A 174 3.35 10.57 -13.82
C GLU A 174 2.81 11.46 -12.69
N ASP A 175 1.48 11.51 -12.54
CA ASP A 175 0.89 12.23 -11.40
C ASP A 175 1.26 11.64 -10.04
N ALA A 176 1.18 10.33 -9.88
CA ALA A 176 1.45 9.70 -8.59
C ALA A 176 2.90 9.91 -8.14
N VAL A 177 3.86 9.65 -9.03
CA VAL A 177 5.27 9.84 -8.74
C VAL A 177 5.56 11.33 -8.50
N GLY A 178 4.95 12.17 -9.34
CA GLY A 178 5.10 13.61 -9.22
C GLY A 178 4.56 14.20 -7.93
N TRP A 179 3.42 13.70 -7.44
CA TRP A 179 2.88 14.17 -6.17
C TRP A 179 3.82 13.80 -5.02
N ILE A 180 4.35 12.58 -5.08
CA ILE A 180 5.19 12.04 -4.02
C ILE A 180 6.52 12.77 -3.96
N VAL A 181 7.10 12.97 -5.13
CA VAL A 181 8.38 13.66 -5.23
C VAL A 181 8.22 15.14 -4.89
N GLY A 182 7.13 15.76 -5.34
CA GLY A 182 6.84 17.14 -4.98
C GLY A 182 6.66 17.35 -3.48
N ALA A 183 6.30 16.27 -2.78
CA ALA A 183 6.10 16.32 -1.32
C ALA A 183 7.37 16.02 -0.53
N GLY A 184 8.50 15.92 -1.22
CA GLY A 184 9.78 15.66 -0.58
C GLY A 184 10.10 14.18 -0.42
N GLY A 185 9.22 13.31 -0.92
CA GLY A 185 9.37 11.88 -0.71
C GLY A 185 10.04 11.14 -1.86
N MET A 186 10.22 9.84 -1.67
CA MET A 186 10.70 8.97 -2.73
C MET A 186 9.56 8.06 -3.17
N ALA A 187 9.44 7.85 -4.47
CA ALA A 187 8.39 7.01 -5.03
C ALA A 187 8.91 5.59 -5.18
N VAL A 188 8.02 4.62 -4.93
CA VAL A 188 8.39 3.22 -4.84
C VAL A 188 7.33 2.34 -5.53
N ILE A 189 7.73 1.54 -6.52
CA ILE A 189 6.80 0.57 -7.06
C ILE A 189 6.60 -0.50 -5.99
N ALA A 190 5.35 -0.67 -5.55
CA ALA A 190 5.03 -1.59 -4.46
C ALA A 190 4.75 -3.01 -4.95
N HIS A 191 5.12 -4.00 -4.14
CA HIS A 191 4.75 -5.40 -4.33
C HIS A 191 4.56 -5.83 -5.80
N PRO A 192 5.62 -5.68 -6.62
CA PRO A 192 5.53 -5.89 -8.07
C PRO A 192 5.26 -7.34 -8.45
N GLY A 193 5.49 -8.26 -7.52
CA GLY A 193 5.23 -9.67 -7.76
C GLY A 193 3.74 -9.94 -7.95
N ARG A 194 2.90 -9.06 -7.42
CA ARG A 194 1.45 -9.18 -7.53
C ARG A 194 0.91 -8.89 -8.94
N TYR A 195 1.67 -8.14 -9.74
CA TYR A 195 1.19 -7.69 -11.05
C TYR A 195 1.25 -8.80 -12.08
N ASP A 196 0.37 -8.79 -13.08
CA ASP A 196 0.50 -9.85 -14.07
C ASP A 196 1.42 -9.27 -15.13
N MET A 197 2.71 -9.61 -15.01
CA MET A 197 3.77 -9.06 -15.86
C MET A 197 4.98 -9.97 -15.97
N GLY A 198 5.54 -10.06 -17.17
CA GLY A 198 6.80 -10.74 -17.39
C GLY A 198 7.91 -9.71 -17.29
N ARG A 199 9.15 -10.12 -17.58
CA ARG A 199 10.26 -9.21 -17.38
C ARG A 199 10.19 -8.01 -18.31
N THR A 200 9.50 -8.14 -19.42
CA THR A 200 9.37 -7.06 -20.39
C THR A 200 8.42 -5.95 -19.90
N LEU A 201 7.24 -6.33 -19.40
CA LEU A 201 6.34 -5.35 -18.83
C LEU A 201 6.95 -4.72 -17.56
N ILE A 202 7.58 -5.52 -16.72
CA ILE A 202 8.23 -4.97 -15.54
C ILE A 202 9.28 -3.94 -15.95
N GLU A 203 10.06 -4.26 -16.97
CA GLU A 203 11.09 -3.31 -17.40
C GLU A 203 10.47 -2.01 -17.93
N ARG A 204 9.44 -2.14 -18.77
CA ARG A 204 8.76 -0.98 -19.31
C ARG A 204 8.18 -0.14 -18.18
N LEU A 205 7.50 -0.81 -17.25
CA LEU A 205 6.98 -0.16 -16.06
C LEU A 205 8.08 0.61 -15.34
N ILE A 206 9.21 -0.06 -15.10
CA ILE A 206 10.32 0.58 -14.39
C ILE A 206 10.85 1.79 -15.14
N LEU A 207 10.91 1.70 -16.46
CA LEU A 207 11.40 2.80 -17.28
C LEU A 207 10.46 4.01 -17.29
N ASP A 208 9.15 3.75 -17.43
CA ASP A 208 8.16 4.82 -17.31
C ASP A 208 8.22 5.44 -15.92
N PHE A 209 8.36 4.60 -14.91
CA PHE A 209 8.46 4.99 -13.51
C PHE A 209 9.62 5.97 -13.27
N GLN A 210 10.82 5.60 -13.71
CA GLN A 210 11.99 6.46 -13.54
C GLN A 210 11.88 7.76 -14.31
N ALA A 211 11.34 7.70 -15.54
CA ALA A 211 11.16 8.90 -16.33
C ALA A 211 10.27 9.90 -15.58
N ALA A 212 9.37 9.36 -14.76
CA ALA A 212 8.45 10.18 -13.99
C ALA A 212 9.07 10.69 -12.67
N GLY A 213 10.27 10.21 -12.34
CA GLY A 213 10.94 10.57 -11.09
C GLY A 213 10.99 9.47 -10.03
N GLY A 214 10.58 8.25 -10.39
CA GLY A 214 10.62 7.12 -9.48
C GLY A 214 12.01 6.59 -9.17
N GLN A 215 12.34 6.51 -7.88
CA GLN A 215 13.62 5.95 -7.42
C GLN A 215 13.67 4.59 -6.71
N GLY A 216 12.53 3.93 -6.51
CA GLY A 216 12.53 2.75 -5.67
C GLY A 216 11.58 1.66 -6.10
N ILE A 217 11.81 0.47 -5.56
CA ILE A 217 10.93 -0.68 -5.81
C ILE A 217 10.98 -1.58 -4.61
N GLU A 218 9.85 -2.17 -4.26
CA GLU A 218 9.80 -3.12 -3.16
C GLU A 218 10.39 -4.46 -3.61
N VAL A 219 11.42 -4.88 -2.89
CA VAL A 219 12.14 -6.11 -3.16
C VAL A 219 11.70 -7.17 -2.13
N ALA A 220 11.89 -6.87 -0.85
CA ALA A 220 11.29 -7.67 0.22
C ALA A 220 9.81 -7.30 0.44
N SER A 221 8.92 -8.28 0.32
CA SER A 221 7.51 -8.01 0.51
C SER A 221 6.76 -9.25 1.00
N GLY A 222 5.78 -9.05 1.87
CA GLY A 222 4.94 -10.13 2.35
C GLY A 222 4.29 -10.85 1.19
N SER A 223 4.14 -10.13 0.07
CA SER A 223 3.52 -10.66 -1.14
C SER A 223 4.47 -11.44 -2.04
N HIS A 224 5.76 -11.46 -1.68
CA HIS A 224 6.77 -12.06 -2.55
C HIS A 224 7.26 -13.41 -2.04
N SER A 225 7.56 -14.30 -2.99
CA SER A 225 8.27 -15.53 -2.66
C SER A 225 9.76 -15.19 -2.69
N LEU A 226 10.63 -16.14 -2.34
CA LEU A 226 12.05 -15.85 -2.37
C LEU A 226 12.53 -15.62 -3.80
N ASP A 227 11.93 -16.31 -4.76
CA ASP A 227 12.26 -16.11 -6.17
C ASP A 227 11.89 -14.71 -6.67
N ASP A 228 10.70 -14.23 -6.28
CA ASP A 228 10.30 -12.83 -6.52
C ASP A 228 11.34 -11.87 -5.92
N MET A 229 11.71 -12.11 -4.67
CA MET A 229 12.75 -11.31 -4.02
C MET A 229 13.97 -11.27 -4.93
N HIS A 230 14.47 -12.44 -5.29
CA HIS A 230 15.66 -12.58 -6.12
C HIS A 230 15.56 -11.79 -7.43
N LYS A 231 14.45 -11.92 -8.13
CA LYS A 231 14.35 -11.31 -9.46
C LYS A 231 14.08 -9.81 -9.45
N PHE A 232 13.34 -9.32 -8.45
CA PHE A 232 13.14 -7.88 -8.37
C PHE A 232 14.39 -7.16 -7.84
N ALA A 233 15.24 -7.87 -7.10
CA ALA A 233 16.57 -7.35 -6.74
C ALA A 233 17.44 -7.14 -7.99
N LEU A 234 17.31 -8.03 -8.97
CA LEU A 234 18.04 -7.91 -10.23
C LEU A 234 17.51 -6.77 -11.10
N HIS A 235 16.18 -6.69 -11.25
CA HIS A 235 15.53 -5.57 -11.93
C HIS A 235 16.00 -4.26 -11.31
N ALA A 236 16.01 -4.23 -9.98
CA ALA A 236 16.40 -3.04 -9.24
C ALA A 236 17.84 -2.65 -9.57
N ASP A 237 18.73 -3.63 -9.60
CA ASP A 237 20.15 -3.34 -9.79
C ASP A 237 20.44 -2.83 -11.21
N ARG A 238 19.80 -3.44 -12.19
CA ARG A 238 20.00 -3.05 -13.59
C ARG A 238 19.64 -1.58 -13.83
N HIS A 239 18.59 -1.11 -13.18
CA HIS A 239 18.12 0.27 -13.33
C HIS A 239 18.54 1.22 -12.22
N GLY A 240 19.31 0.74 -11.25
CA GLY A 240 19.83 1.59 -10.19
C GLY A 240 18.79 2.05 -9.18
N LEU A 241 17.72 1.27 -9.01
CA LEU A 241 16.69 1.60 -8.03
C LEU A 241 17.07 1.17 -6.61
N TYR A 242 16.60 1.93 -5.63
CA TYR A 242 16.76 1.54 -4.22
C TYR A 242 15.66 0.57 -3.80
N ALA A 243 16.02 -0.34 -2.90
CA ALA A 243 15.13 -1.43 -2.51
C ALA A 243 14.37 -1.11 -1.23
N SER A 244 13.05 -1.26 -1.28
CA SER A 244 12.26 -1.14 -0.07
C SER A 244 11.88 -2.53 0.43
N SER A 245 11.28 -2.57 1.61
CA SER A 245 10.85 -3.81 2.24
C SER A 245 9.57 -3.49 3.00
N GLY A 246 8.57 -4.36 2.87
CA GLY A 246 7.35 -4.20 3.64
C GLY A 246 6.66 -5.52 3.87
N SER A 247 5.88 -5.61 4.95
CA SER A 247 5.11 -6.80 5.24
C SER A 247 3.84 -6.83 4.42
N ASP A 248 3.38 -5.66 3.98
CA ASP A 248 2.08 -5.55 3.35
C ASP A 248 0.94 -5.91 4.29
N PHE A 249 1.17 -5.79 5.60
CA PHE A 249 0.17 -6.11 6.61
C PHE A 249 -1.16 -5.35 6.45
N HIS A 250 -2.27 -6.09 6.53
CA HIS A 250 -3.61 -5.51 6.64
C HIS A 250 -4.26 -5.86 7.98
N ALA A 251 -4.38 -7.15 8.23
CA ALA A 251 -5.02 -7.66 9.44
C ALA A 251 -4.40 -8.98 9.85
N PRO A 252 -4.47 -9.34 11.13
CA PRO A 252 -4.04 -10.67 11.58
C PRO A 252 -4.74 -11.78 10.78
N GLY A 253 -3.97 -12.73 10.26
CA GLY A 253 -4.55 -13.84 9.52
C GLY A 253 -4.65 -13.65 8.02
N GLU A 254 -4.64 -12.40 7.57
CA GLU A 254 -4.77 -12.10 6.14
C GLU A 254 -3.41 -12.06 5.44
N ASP A 258 3.16 -10.58 8.94
CA ASP A 258 2.90 -9.82 10.16
C ASP A 258 3.73 -8.53 10.16
N VAL A 259 3.17 -7.48 10.76
CA VAL A 259 3.74 -6.14 10.70
C VAL A 259 4.97 -5.97 11.61
N GLY A 260 5.94 -5.18 11.15
CA GLY A 260 7.11 -4.85 11.94
C GLY A 260 8.37 -5.62 11.60
N HIS A 261 8.27 -6.51 10.64
CA HIS A 261 9.37 -7.42 10.31
C HIS A 261 9.33 -7.74 8.82
N THR A 262 10.49 -7.80 8.18
CA THR A 262 10.57 -8.22 6.79
C THR A 262 11.77 -9.15 6.56
N GLU A 263 11.77 -9.78 5.39
CA GLU A 263 12.86 -10.64 4.95
C GLU A 263 14.10 -9.79 4.66
N ASP A 264 15.27 -10.23 5.13
CA ASP A 264 16.52 -9.53 4.81
C ASP A 264 16.67 -9.33 3.30
N LEU A 265 16.99 -8.11 2.90
CA LEU A 265 17.27 -7.82 1.50
C LEU A 265 18.45 -8.61 0.98
N PRO A 266 18.36 -9.08 -0.26
CA PRO A 266 19.51 -9.68 -0.95
C PRO A 266 20.72 -8.74 -0.86
N PRO A 267 21.93 -9.29 -0.70
CA PRO A 267 23.12 -8.43 -0.55
C PRO A 267 23.31 -7.38 -1.65
N ILE A 268 22.80 -7.65 -2.86
CA ILE A 268 22.98 -6.72 -3.98
C ILE A 268 22.18 -5.43 -3.85
N CYS A 269 21.12 -5.46 -3.05
CA CYS A 269 20.23 -4.31 -2.94
C CYS A 269 20.84 -3.11 -2.23
N ARG A 270 20.49 -1.91 -2.68
CA ARG A 270 20.81 -0.69 -1.96
C ARG A 270 19.57 -0.22 -1.21
N PRO A 271 19.55 -0.42 0.11
CA PRO A 271 18.30 -0.21 0.86
C PRO A 271 17.85 1.25 0.89
N ILE A 272 16.56 1.46 0.61
CA ILE A 272 16.02 2.81 0.46
C ILE A 272 16.02 3.60 1.77
N TRP A 273 15.95 2.92 2.90
CA TRP A 273 15.94 3.67 4.17
C TRP A 273 17.21 4.48 4.37
N ARG A 274 18.33 4.01 3.85
CA ARG A 274 19.57 4.77 3.95
C ARG A 274 19.49 6.11 3.21
N GLU A 275 18.67 6.16 2.15
CA GLU A 275 18.46 7.39 1.38
C GLU A 275 17.42 8.34 2.00
N LEU A 276 16.62 7.82 2.91
CA LEU A 276 15.50 8.55 3.54
C LEU A 276 15.81 9.11 4.94
N GLU A 277 17.05 8.95 5.40
CA GLU A 277 17.40 9.29 6.78
C GLU A 277 17.03 10.72 7.18
N ALA A 278 17.11 11.65 6.24
CA ALA A 278 16.80 13.04 6.53
C ALA A 278 15.29 13.28 6.65
N ARG A 279 14.49 12.34 6.18
CA ARG A 279 13.03 12.44 6.32
C ARG A 279 12.51 11.62 7.50
N ILE A 280 13.41 10.87 8.15
CA ILE A 280 12.99 10.03 9.27
C ILE A 280 12.61 10.88 10.48
N LEU A 281 11.43 10.63 11.04
CA LEU A 281 11.00 11.33 12.23
C LEU A 281 11.53 10.52 13.40
N ARG A 282 12.48 11.11 14.12
CA ARG A 282 13.19 10.43 15.19
C ARG A 282 12.39 10.54 16.48
N PRO A 283 12.42 9.48 17.29
CA PRO A 283 11.71 9.53 18.57
C PRO A 283 12.22 10.67 19.46
N ALA A 284 13.51 11.00 19.38
CA ALA A 284 14.04 12.15 20.14
C ALA A 284 13.76 13.46 19.40
N ASP A 285 13.22 14.44 20.10
CA ASP A 285 12.83 15.71 19.50
C ASP A 285 14.02 16.56 19.04
N ALA A 286 15.05 16.65 19.88
CA ALA A 286 16.26 17.41 19.53
C ALA A 286 16.90 16.84 18.27
N GLU A 287 16.60 15.57 17.97
CA GLU A 287 17.15 14.93 16.78
C GLU A 287 16.31 15.20 15.55
N ASN A 288 15.24 15.99 15.72
CA ASN A 288 14.45 16.47 14.60
C ASN A 288 14.57 17.98 14.43
#